data_7HU0
#
_entry.id   7HU0
#
_cell.length_a   98.524
_cell.length_b   98.399
_cell.length_c   128.919
_cell.angle_alpha   90.00
_cell.angle_beta   90.00
_cell.angle_gamma   90.00
#
_symmetry.space_group_name_H-M   'I 2 2 2'
#
loop_
_entity.id
_entity.type
_entity.pdbx_description
1 polymer 'Oleoyl-acyl carrier protein thioesterase 1, chloroplastic'
2 non-polymer N-methylquinoxalin-2-amine
3 water water
#
_entity_poly.entity_id   1
_entity_poly.type   'polypeptide(L)'
_entity_poly.pdbx_seq_one_letter_code
;MGSLTEDGLSYKEKFVVRSYEVGSNKTATVETIANLLQEVGCNHAQSVGFSTDGFATTTTMRKLHLIWVTARMHIEIYKY
PAWGDVVEIETWCQSEGRIGTRRDWILKDSVTGEVTGRATSKWVMMNQDTRRLQKVSDDVRDEYLVFCPQEPRLAFPEEN
NRSLKKIPKLEDPAQYSMIGLKPRRADLDMNQHVNNVTYIGWVLESIPQEIVDTHELQVITLDYRRECQQDDVVDSLTTT
TSEIGGTNGSATSGTQGHNDSQFLHLLRLSGDGQEINRGTTLWRKKPSSHHHHHH
;
_entity_poly.pdbx_strand_id   A,B
#
loop_
_chem_comp.id
_chem_comp.type
_chem_comp.name
_chem_comp.formula
KCC non-polymer N-methylquinoxalin-2-amine 'C9 H9 N3'
#
# COMPACT_ATOMS: atom_id res chain seq x y z
N GLY A 2 -0.30 -20.46 2.48
CA GLY A 2 -0.82 -20.22 3.83
C GLY A 2 -1.85 -21.23 4.26
N SER A 3 -1.65 -21.86 5.42
CA SER A 3 -2.58 -22.86 5.93
C SER A 3 -2.56 -22.96 7.44
N LEU A 4 -3.67 -23.46 8.03
CA LEU A 4 -3.77 -23.67 9.48
C LEU A 4 -2.71 -24.67 9.94
N THR A 5 -2.21 -24.50 11.17
CA THR A 5 -1.25 -25.46 11.72
C THR A 5 -1.93 -26.83 11.92
N GLU A 6 -1.15 -27.88 12.23
CA GLU A 6 -1.66 -29.23 12.42
C GLU A 6 -2.92 -29.33 13.30
N ASP A 7 -2.93 -28.65 14.46
CA ASP A 7 -4.09 -28.68 15.34
C ASP A 7 -5.27 -27.83 14.85
N GLY A 8 -4.99 -26.81 14.05
CA GLY A 8 -6.02 -25.93 13.53
C GLY A 8 -6.38 -24.80 14.48
N LEU A 9 -5.57 -24.57 15.52
CA LEU A 9 -5.80 -23.49 16.47
C LEU A 9 -4.99 -22.20 16.19
N SER A 10 -4.24 -22.18 15.07
CA SER A 10 -3.45 -21.04 14.59
C SER A 10 -3.24 -21.14 13.07
N TYR A 11 -2.77 -20.05 12.43
CA TYR A 11 -2.59 -20.02 10.98
C TYR A 11 -1.20 -19.50 10.62
N LYS A 12 -0.56 -20.09 9.61
CA LYS A 12 0.76 -19.63 9.18
C LYS A 12 0.76 -19.19 7.72
N GLU A 13 1.61 -18.23 7.35
CA GLU A 13 1.71 -17.76 5.96
C GLU A 13 3.07 -17.12 5.70
N LYS A 14 3.68 -17.43 4.55
CA LYS A 14 4.99 -16.86 4.20
C LYS A 14 4.81 -15.72 3.20
N PHE A 15 5.66 -14.69 3.26
CA PHE A 15 5.57 -13.53 2.37
C PHE A 15 6.95 -13.14 1.87
N VAL A 16 7.07 -12.79 0.59
CA VAL A 16 8.34 -12.31 0.04
C VAL A 16 8.25 -10.80 0.02
N VAL A 17 9.19 -10.09 0.65
CA VAL A 17 9.14 -8.63 0.71
C VAL A 17 9.33 -8.01 -0.68
N ARG A 18 8.40 -7.12 -1.08
CA ARG A 18 8.36 -6.48 -2.40
C ARG A 18 9.13 -5.16 -2.45
N SER A 19 9.55 -4.76 -3.67
CA SER A 19 10.32 -3.54 -3.90
C SER A 19 9.64 -2.29 -3.34
N TYR A 20 8.34 -2.11 -3.66
CA TYR A 20 7.57 -0.95 -3.18
C TYR A 20 7.15 -1.04 -1.71
N GLU A 21 7.62 -2.06 -0.97
CA GLU A 21 7.28 -2.25 0.43
C GLU A 21 8.37 -1.81 1.42
N VAL A 22 9.54 -1.36 0.92
CA VAL A 22 10.67 -0.96 1.76
C VAL A 22 10.91 0.56 1.79
N GLY A 23 11.65 1.03 2.80
CA GLY A 23 11.97 2.45 2.96
C GLY A 23 13.39 2.80 2.58
N SER A 24 13.92 3.88 3.18
N SER A 24 13.93 3.90 3.15
N SER A 24 13.92 3.88 3.18
CA SER A 24 15.27 4.39 2.91
CA SER A 24 15.28 4.37 2.85
CA SER A 24 15.27 4.39 2.91
C SER A 24 16.37 3.40 3.30
C SER A 24 16.38 3.40 3.30
C SER A 24 16.37 3.40 3.30
N ASN A 25 16.12 2.58 4.32
CA ASN A 25 17.11 1.61 4.80
C ASN A 25 17.00 0.25 4.12
N LYS A 26 16.32 0.15 2.95
CA LYS A 26 16.11 -1.07 2.17
C LYS A 26 15.44 -2.21 2.94
N THR A 27 14.74 -1.87 4.03
CA THR A 27 14.01 -2.84 4.86
C THR A 27 12.52 -2.45 4.91
N ALA A 28 11.64 -3.46 4.98
CA ALA A 28 10.19 -3.30 5.02
C ALA A 28 9.72 -2.27 6.04
N THR A 29 8.90 -1.29 5.59
CA THR A 29 8.35 -0.24 6.46
C THR A 29 7.40 -0.81 7.51
N VAL A 30 7.16 -0.06 8.59
CA VAL A 30 6.26 -0.56 9.65
C VAL A 30 4.81 -0.72 9.15
N GLU A 31 4.42 0.06 8.14
CA GLU A 31 3.08 -0.03 7.54
C GLU A 31 2.95 -1.30 6.69
N THR A 32 4.04 -1.75 6.08
CA THR A 32 4.07 -2.99 5.29
C THR A 32 3.92 -4.18 6.25
N ILE A 33 4.65 -4.16 7.37
CA ILE A 33 4.56 -5.22 8.37
C ILE A 33 3.16 -5.30 8.94
N ALA A 34 2.56 -4.15 9.24
CA ALA A 34 1.19 -4.06 9.76
C ALA A 34 0.18 -4.62 8.75
N ASN A 35 0.42 -4.41 7.46
CA ASN A 35 -0.43 -4.91 6.39
C ASN A 35 -0.33 -6.42 6.29
N LEU A 36 0.88 -6.98 6.47
CA LEU A 36 1.10 -8.42 6.43
C LEU A 36 0.43 -9.10 7.61
N LEU A 37 0.49 -8.47 8.81
CA LEU A 37 -0.19 -9.00 10.00
C LEU A 37 -1.70 -8.98 9.78
N GLN A 38 -2.23 -7.93 9.14
CA GLN A 38 -3.64 -7.81 8.87
C GLN A 38 -4.10 -8.84 7.85
N GLU A 39 -3.30 -9.06 6.81
CA GLU A 39 -3.57 -10.01 5.73
C GLU A 39 -3.60 -11.43 6.23
N VAL A 40 -2.67 -11.80 7.11
CA VAL A 40 -2.62 -13.16 7.66
C VAL A 40 -3.84 -13.41 8.60
N GLY A 41 -4.31 -12.37 9.28
CA GLY A 41 -5.49 -12.45 10.13
C GLY A 41 -6.80 -12.59 9.35
N CYS A 42 -6.84 -12.02 8.14
N CYS A 42 -6.84 -12.02 8.14
N CYS A 42 -6.84 -12.02 8.14
CA CYS A 42 -8.02 -12.12 7.28
CA CYS A 42 -8.02 -12.11 7.30
CA CYS A 42 -8.02 -12.12 7.28
C CYS A 42 -8.16 -13.55 6.75
C CYS A 42 -8.17 -13.54 6.74
C CYS A 42 -8.16 -13.55 6.75
N ASN A 43 -7.04 -14.17 6.37
CA ASN A 43 -7.03 -15.52 5.85
C ASN A 43 -7.26 -16.56 6.94
N HIS A 44 -6.92 -16.27 8.20
CA HIS A 44 -7.18 -17.19 9.31
C HIS A 44 -8.69 -17.26 9.55
N ALA A 45 -9.39 -16.13 9.48
CA ALA A 45 -10.84 -16.04 9.63
C ALA A 45 -11.54 -16.77 8.48
N GLN A 46 -11.01 -16.64 7.26
CA GLN A 46 -11.54 -17.29 6.07
C GLN A 46 -11.32 -18.80 6.10
N SER A 47 -10.15 -19.26 6.55
N SER A 47 -10.15 -19.26 6.56
N SER A 47 -10.15 -19.26 6.55
CA SER A 47 -9.82 -20.68 6.60
CA SER A 47 -9.82 -20.68 6.60
CA SER A 47 -9.82 -20.68 6.60
C SER A 47 -10.72 -21.46 7.57
C SER A 47 -10.72 -21.46 7.57
C SER A 47 -10.72 -21.46 7.57
N VAL A 48 -11.20 -20.81 8.63
CA VAL A 48 -12.09 -21.46 9.59
C VAL A 48 -13.58 -21.20 9.30
N GLY A 49 -13.90 -20.54 8.19
CA GLY A 49 -15.27 -20.28 7.79
C GLY A 49 -15.85 -18.95 8.21
N PHE A 50 -15.22 -17.82 7.86
CA PHE A 50 -15.78 -16.49 8.17
C PHE A 50 -15.83 -15.56 6.93
N SER A 51 -16.67 -14.52 6.98
CA SER A 51 -16.80 -13.57 5.87
C SER A 51 -17.16 -12.17 6.37
N ALA A 56 -15.00 -11.25 9.97
CA ALA A 56 -15.05 -12.49 10.75
C ALA A 56 -16.20 -12.48 11.75
N THR A 57 -17.43 -12.40 11.23
CA THR A 57 -18.61 -12.36 12.08
C THR A 57 -19.42 -13.64 11.95
N THR A 58 -19.82 -14.22 13.08
CA THR A 58 -20.62 -15.46 13.09
C THR A 58 -22.05 -15.20 12.58
N THR A 59 -22.85 -16.26 12.39
CA THR A 59 -24.23 -16.12 11.94
C THR A 59 -25.05 -15.34 12.98
N THR A 60 -24.76 -15.51 14.29
CA THR A 60 -25.43 -14.80 15.38
C THR A 60 -25.03 -13.32 15.40
N MET A 61 -23.77 -13.01 15.10
N MET A 61 -23.77 -13.01 15.10
N MET A 61 -23.77 -13.01 15.10
CA MET A 61 -23.28 -11.64 15.07
CA MET A 61 -23.27 -11.64 15.06
CA MET A 61 -23.28 -11.64 15.07
C MET A 61 -23.87 -10.86 13.89
C MET A 61 -23.88 -10.87 13.89
C MET A 61 -23.87 -10.86 13.89
N ARG A 62 -24.03 -11.53 12.74
CA ARG A 62 -24.60 -10.88 11.55
C ARG A 62 -26.09 -10.58 11.74
N LYS A 63 -26.81 -11.41 12.51
CA LYS A 63 -28.23 -11.26 12.82
C LYS A 63 -28.49 -10.03 13.73
N LEU A 64 -27.65 -9.84 14.77
CA LEU A 64 -27.81 -8.69 15.68
C LEU A 64 -27.08 -7.43 15.22
N HIS A 65 -26.37 -7.46 14.06
CA HIS A 65 -25.61 -6.36 13.47
C HIS A 65 -24.38 -5.96 14.31
N LEU A 66 -23.60 -6.95 14.73
CA LEU A 66 -22.39 -6.73 15.52
C LEU A 66 -21.16 -7.01 14.66
N ILE A 67 -20.07 -6.24 14.87
CA ILE A 67 -18.79 -6.40 14.15
C ILE A 67 -17.60 -6.36 15.13
N TRP A 68 -16.43 -6.86 14.71
CA TRP A 68 -15.22 -6.81 15.54
C TRP A 68 -14.44 -5.55 15.19
N VAL A 69 -14.07 -4.73 16.20
CA VAL A 69 -13.32 -3.49 15.94
C VAL A 69 -12.02 -3.46 16.77
N THR A 70 -10.90 -2.96 16.19
CA THR A 70 -9.64 -2.91 16.93
C THR A 70 -9.69 -1.82 17.97
N ALA A 71 -9.36 -2.14 19.22
CA ALA A 71 -9.33 -1.16 20.30
C ALA A 71 -7.90 -0.75 20.64
N ARG A 72 -6.94 -1.68 20.51
CA ARG A 72 -5.53 -1.42 20.78
C ARG A 72 -4.65 -2.32 19.90
N MET A 73 -3.51 -1.80 19.46
CA MET A 73 -2.57 -2.53 18.64
C MET A 73 -1.17 -2.33 19.23
N HIS A 74 -0.41 -3.40 19.42
CA HIS A 74 0.93 -3.31 19.96
C HIS A 74 1.85 -4.10 19.05
N ILE A 75 2.88 -3.45 18.45
CA ILE A 75 3.79 -4.14 17.52
C ILE A 75 5.27 -3.93 17.89
N GLU A 76 5.99 -5.00 18.20
CA GLU A 76 7.41 -4.91 18.52
C GLU A 76 8.27 -5.60 17.44
N ILE A 77 9.15 -4.85 16.74
CA ILE A 77 10.04 -5.38 15.68
C ILE A 77 11.50 -5.36 16.11
N TYR A 78 12.25 -6.45 15.90
CA TYR A 78 13.68 -6.50 16.24
C TYR A 78 14.53 -6.37 14.99
N LYS A 79 14.12 -7.03 13.91
CA LYS A 79 14.83 -7.01 12.64
C LYS A 79 13.78 -6.82 11.55
N TYR A 80 13.89 -5.73 10.77
CA TYR A 80 12.94 -5.50 9.68
C TYR A 80 13.40 -6.30 8.48
N PRO A 81 12.55 -7.15 7.90
CA PRO A 81 12.97 -7.93 6.72
C PRO A 81 13.35 -7.05 5.51
N ALA A 82 14.52 -7.27 4.92
CA ALA A 82 14.98 -6.50 3.76
C ALA A 82 14.26 -6.91 2.48
N GLY A 84 13.33 -8.65 -0.59
CA GLY A 84 13.64 -9.98 -1.10
C GLY A 84 13.50 -11.10 -0.08
N ASP A 85 13.58 -10.76 1.22
CA ASP A 85 13.49 -11.73 2.30
C ASP A 85 12.13 -12.40 2.39
N VAL A 86 12.12 -13.62 2.93
CA VAL A 86 10.88 -14.37 3.16
C VAL A 86 10.58 -14.27 4.66
N VAL A 87 9.34 -13.94 5.00
CA VAL A 87 8.94 -13.78 6.40
C VAL A 87 7.67 -14.56 6.66
N GLU A 88 7.70 -15.47 7.65
CA GLU A 88 6.52 -16.26 7.99
C GLU A 88 5.85 -15.72 9.25
N ILE A 89 4.53 -15.52 9.21
CA ILE A 89 3.79 -15.01 10.35
C ILE A 89 2.82 -16.04 10.87
N GLU A 90 2.81 -16.29 12.19
CA GLU A 90 1.86 -17.22 12.78
C GLU A 90 0.87 -16.47 13.66
N THR A 91 -0.39 -16.43 13.25
CA THR A 91 -1.41 -15.72 14.00
C THR A 91 -2.39 -16.69 14.68
N TRP A 92 -3.06 -16.23 15.74
CA TRP A 92 -4.05 -17.00 16.49
C TRP A 92 -4.88 -16.07 17.37
N CYS A 93 -6.12 -16.44 17.64
N CYS A 93 -6.12 -16.46 17.65
N CYS A 93 -6.12 -16.44 17.64
CA CYS A 93 -6.99 -15.63 18.48
CA CYS A 93 -7.00 -15.66 18.49
CA CYS A 93 -6.99 -15.63 18.48
C CYS A 93 -7.33 -16.34 19.80
C CYS A 93 -7.26 -16.35 19.82
C CYS A 93 -7.33 -16.34 19.80
N GLN A 94 -7.57 -15.56 20.86
CA GLN A 94 -7.89 -16.12 22.17
C GLN A 94 -8.87 -15.24 22.90
N SER A 95 -9.84 -15.85 23.59
CA SER A 95 -10.86 -15.09 24.32
C SER A 95 -10.25 -14.34 25.48
N GLU A 96 -10.72 -13.12 25.72
CA GLU A 96 -10.26 -12.34 26.86
C GLU A 96 -11.47 -12.10 27.74
N GLY A 97 -12.08 -13.22 28.17
CA GLY A 97 -13.28 -13.22 29.00
C GLY A 97 -14.43 -12.51 28.33
N ARG A 98 -15.05 -11.56 29.03
CA ARG A 98 -16.16 -10.80 28.48
C ARG A 98 -15.78 -9.42 27.93
N ILE A 99 -14.48 -9.09 27.92
CA ILE A 99 -14.01 -7.82 27.38
C ILE A 99 -14.08 -7.86 25.83
N GLY A 100 -13.48 -8.88 25.24
CA GLY A 100 -13.47 -9.07 23.80
C GLY A 100 -12.54 -10.20 23.41
N THR A 101 -11.81 -10.02 22.32
CA THR A 101 -10.85 -11.02 21.87
C THR A 101 -9.42 -10.44 21.87
N ARG A 102 -8.43 -11.32 21.68
CA ARG A 102 -7.04 -10.92 21.57
C ARG A 102 -6.47 -11.67 20.39
N ARG A 103 -5.78 -10.99 19.45
CA ARG A 103 -5.13 -11.68 18.35
C ARG A 103 -3.64 -11.43 18.44
N ASP A 104 -2.83 -12.50 18.48
CA ASP A 104 -1.37 -12.34 18.55
C ASP A 104 -0.67 -12.80 17.26
N TRP A 105 0.51 -12.26 16.99
CA TRP A 105 1.30 -12.62 15.82
C TRP A 105 2.74 -12.87 16.22
N ILE A 106 3.43 -13.74 15.48
CA ILE A 106 4.85 -14.00 15.65
C ILE A 106 5.47 -13.92 14.25
N LEU A 107 6.35 -12.95 14.02
CA LEU A 107 7.02 -12.81 12.73
C LEU A 107 8.34 -13.51 12.84
N LYS A 108 8.63 -14.43 11.91
CA LYS A 108 9.89 -15.17 11.89
C LYS A 108 10.58 -15.01 10.55
N ASP A 109 11.91 -15.02 10.55
CA ASP A 109 12.67 -14.97 9.30
C ASP A 109 12.65 -16.41 8.79
N SER A 110 12.19 -16.63 7.56
CA SER A 110 12.09 -17.98 7.00
C SER A 110 13.45 -18.66 6.77
N VAL A 111 14.54 -17.88 6.67
CA VAL A 111 15.86 -18.45 6.42
C VAL A 111 16.52 -18.88 7.72
N THR A 112 16.68 -17.94 8.67
CA THR A 112 17.34 -18.20 9.95
C THR A 112 16.42 -18.78 11.04
N GLY A 113 15.11 -18.78 10.80
CA GLY A 113 14.14 -19.32 11.75
C GLY A 113 13.92 -18.51 13.01
N GLU A 114 14.73 -17.46 13.22
CA GLU A 114 14.64 -16.62 14.41
C GLU A 114 13.42 -15.72 14.38
N VAL A 115 12.99 -15.24 15.55
CA VAL A 115 11.85 -14.34 15.65
C VAL A 115 12.33 -12.92 15.38
N THR A 116 11.87 -12.30 14.28
CA THR A 116 12.28 -10.91 13.98
C THR A 116 11.24 -9.86 14.42
N GLY A 117 10.19 -10.29 15.10
CA GLY A 117 9.15 -9.39 15.57
C GLY A 117 7.92 -10.13 16.06
N ARG A 118 7.03 -9.41 16.74
CA ARG A 118 5.80 -9.97 17.28
C ARG A 118 4.79 -8.87 17.57
N ALA A 119 3.50 -9.19 17.51
CA ALA A 119 2.44 -8.20 17.74
C ALA A 119 1.26 -8.78 18.53
N THR A 120 0.41 -7.90 19.10
CA THR A 120 -0.78 -8.29 19.83
C THR A 120 -1.82 -7.18 19.72
N SER A 121 -3.09 -7.55 19.57
CA SER A 121 -4.16 -6.56 19.46
C SER A 121 -5.37 -6.93 20.31
N LYS A 122 -6.10 -5.94 20.79
CA LYS A 122 -7.30 -6.17 21.58
C LYS A 122 -8.49 -5.74 20.72
N TRP A 123 -9.46 -6.64 20.52
CA TRP A 123 -10.62 -6.34 19.69
C TRP A 123 -11.88 -6.34 20.53
N VAL A 124 -12.79 -5.40 20.25
CA VAL A 124 -14.05 -5.32 21.01
C VAL A 124 -15.28 -5.49 20.11
N MET A 125 -16.43 -5.85 20.70
CA MET A 125 -17.64 -6.05 19.92
C MET A 125 -18.51 -4.80 19.86
N MET A 126 -18.56 -4.17 18.67
CA MET A 126 -19.26 -2.91 18.43
C MET A 126 -20.45 -3.07 17.49
N ASN A 127 -21.54 -2.31 17.73
CA ASN A 127 -22.72 -2.34 16.85
C ASN A 127 -22.38 -1.64 15.54
N GLN A 128 -22.64 -2.32 14.43
CA GLN A 128 -22.38 -1.88 13.07
C GLN A 128 -22.92 -0.50 12.74
N ASP A 129 -24.14 -0.19 13.22
CA ASP A 129 -24.86 1.03 12.90
C ASP A 129 -24.80 2.14 13.98
N THR A 130 -25.15 1.82 15.24
CA THR A 130 -25.12 2.81 16.31
C THR A 130 -23.74 3.08 16.90
N ARG A 131 -22.70 2.33 16.44
CA ARG A 131 -21.32 2.44 16.89
C ARG A 131 -21.16 2.21 18.40
N ARG A 132 -22.13 1.55 19.04
CA ARG A 132 -22.15 1.30 20.48
C ARG A 132 -21.45 0.03 20.87
N LEU A 133 -20.57 0.10 21.87
CA LEU A 133 -19.86 -1.07 22.35
C LEU A 133 -20.70 -1.90 23.32
N GLN A 134 -20.37 -3.18 23.46
CA GLN A 134 -21.00 -4.09 24.42
C GLN A 134 -20.13 -5.32 24.71
N LYS A 135 -20.28 -5.88 25.93
CA LYS A 135 -19.52 -7.06 26.36
C LYS A 135 -19.97 -8.28 25.58
N VAL A 136 -19.03 -9.16 25.24
CA VAL A 136 -19.34 -10.37 24.49
C VAL A 136 -20.28 -11.28 25.27
N SER A 137 -21.51 -11.46 24.76
CA SER A 137 -22.49 -12.34 25.42
C SER A 137 -21.99 -13.79 25.38
N ASP A 138 -22.38 -14.60 26.38
CA ASP A 138 -21.94 -15.98 26.49
C ASP A 138 -22.09 -16.83 25.22
N ASP A 139 -23.27 -16.78 24.56
CA ASP A 139 -23.52 -17.59 23.37
C ASP A 139 -22.67 -17.22 22.16
N VAL A 140 -22.39 -15.94 21.96
CA VAL A 140 -21.55 -15.48 20.85
C VAL A 140 -20.10 -15.92 21.07
N ARG A 141 -19.63 -15.82 22.32
CA ARG A 141 -18.27 -16.20 22.72
C ARG A 141 -17.91 -17.64 22.41
N ASP A 142 -18.79 -18.61 22.72
CA ASP A 142 -18.49 -20.02 22.50
C ASP A 142 -18.49 -20.45 21.04
N GLU A 143 -19.03 -19.62 20.14
CA GLU A 143 -19.05 -19.94 18.71
C GLU A 143 -17.64 -19.89 18.10
N TYR A 144 -16.77 -19.03 18.64
CA TYR A 144 -15.39 -18.94 18.17
C TYR A 144 -14.36 -19.55 19.16
N LEU A 145 -14.82 -20.16 20.26
CA LEU A 145 -13.94 -20.83 21.22
C LEU A 145 -13.33 -22.10 20.63
N VAL A 146 -14.07 -22.78 19.73
CA VAL A 146 -13.66 -24.01 19.06
C VAL A 146 -12.46 -23.82 18.10
N PHE A 147 -12.09 -22.55 17.82
CA PHE A 147 -10.96 -22.17 16.95
C PHE A 147 -9.84 -21.48 17.74
N CYS A 148 -9.84 -21.61 19.08
CA CYS A 148 -8.87 -20.93 19.92
C CYS A 148 -8.17 -21.94 20.82
N PRO A 149 -6.87 -21.73 21.08
CA PRO A 149 -6.19 -22.62 22.04
C PRO A 149 -6.79 -22.43 23.44
N GLN A 150 -7.05 -23.53 24.15
CA GLN A 150 -7.66 -23.44 25.47
C GLN A 150 -6.68 -22.88 26.52
N GLU A 151 -5.41 -23.36 26.54
CA GLU A 151 -4.39 -22.85 27.44
C GLU A 151 -3.97 -21.45 26.96
N PRO A 152 -3.59 -20.53 27.87
CA PRO A 152 -3.18 -19.19 27.42
C PRO A 152 -1.86 -19.19 26.65
N ARG A 153 -1.91 -18.75 25.40
CA ARG A 153 -0.75 -18.67 24.52
C ARG A 153 -0.58 -17.23 24.07
N LEU A 154 0.17 -16.45 24.83
CA LEU A 154 0.39 -15.04 24.54
C LEU A 154 1.69 -14.83 23.79
N ALA A 155 1.76 -13.79 22.96
CA ALA A 155 2.99 -13.45 22.27
C ALA A 155 3.91 -12.69 23.23
N PHE A 156 3.32 -11.80 24.07
CA PHE A 156 4.01 -10.99 25.07
C PHE A 156 3.60 -11.50 26.45
N PRO A 157 4.30 -12.50 26.99
CA PRO A 157 3.88 -13.06 28.28
C PRO A 157 4.41 -12.34 29.51
N GLU A 158 5.47 -11.51 29.36
CA GLU A 158 6.12 -10.71 30.41
C GLU A 158 5.18 -10.13 31.47
N GLU A 159 5.56 -10.24 32.76
CA GLU A 159 4.77 -9.77 33.93
C GLU A 159 4.24 -8.34 33.79
N ASN A 160 5.13 -7.35 33.57
CA ASN A 160 4.72 -5.97 33.36
C ASN A 160 5.07 -5.64 31.92
N ASN A 161 4.44 -6.36 30.97
CA ASN A 161 4.67 -6.19 29.54
C ASN A 161 4.26 -4.79 29.06
N ARG A 162 4.93 -4.28 28.02
CA ARG A 162 4.69 -2.93 27.53
C ARG A 162 3.44 -2.77 26.63
N SER A 163 2.44 -3.66 26.76
CA SER A 163 1.21 -3.56 25.95
C SER A 163 -0.04 -3.27 26.79
N LEU A 164 0.00 -3.53 28.11
CA LEU A 164 -1.14 -3.30 29.01
C LEU A 164 -1.00 -2.02 29.85
N LYS A 165 -0.11 -1.10 29.46
CA LYS A 165 0.07 0.15 30.19
C LYS A 165 -0.85 1.24 29.63
N LYS A 166 -1.44 2.07 30.51
CA LYS A 166 -2.34 3.15 30.10
C LYS A 166 -1.60 4.29 29.36
N ILE A 167 -2.09 4.67 28.17
CA ILE A 167 -1.47 5.74 27.38
C ILE A 167 -2.07 7.10 27.75
N PRO A 168 -1.25 8.04 28.25
CA PRO A 168 -1.78 9.37 28.60
C PRO A 168 -2.13 10.24 27.38
N LYS A 169 -2.94 11.29 27.59
CA LYS A 169 -3.33 12.22 26.54
C LYS A 169 -2.28 13.30 26.39
N LEU A 170 -1.79 13.52 25.17
CA LEU A 170 -0.77 14.51 24.89
C LEU A 170 -1.20 15.93 25.26
N GLU A 171 -0.37 16.63 26.06
CA GLU A 171 -0.66 18.00 26.44
C GLU A 171 -0.15 18.97 25.38
N ASP A 172 -0.83 20.11 25.24
CA ASP A 172 -0.44 21.13 24.27
C ASP A 172 0.46 22.17 24.97
N PRO A 173 1.49 22.71 24.29
CA PRO A 173 1.88 22.47 22.90
C PRO A 173 2.65 21.18 22.63
N ALA A 174 2.37 20.57 21.48
CA ALA A 174 3.06 19.36 21.07
C ALA A 174 4.42 19.75 20.50
N GLN A 175 5.46 18.95 20.77
CA GLN A 175 6.80 19.28 20.30
C GLN A 175 6.88 19.24 18.77
N TYR A 176 6.27 18.22 18.19
CA TYR A 176 6.23 18.04 16.74
C TYR A 176 4.80 17.89 16.24
N SER A 177 4.57 18.14 14.96
CA SER A 177 3.24 18.03 14.38
C SER A 177 3.24 17.89 12.87
N MET A 178 2.18 17.27 12.34
CA MET A 178 1.96 17.13 10.92
C MET A 178 0.47 17.31 10.73
N ILE A 179 0.08 18.47 10.16
CA ILE A 179 -1.30 18.93 9.98
C ILE A 179 -1.83 18.66 8.55
N GLY A 180 -3.14 18.49 8.40
CA GLY A 180 -3.75 18.33 7.08
C GLY A 180 -3.60 16.99 6.43
N LEU A 181 -3.69 15.93 7.21
CA LEU A 181 -3.56 14.57 6.70
C LEU A 181 -4.94 14.04 6.32
N LYS A 182 -5.14 13.67 5.06
CA LYS A 182 -6.43 13.16 4.56
C LYS A 182 -6.25 11.79 3.94
N PRO A 183 -7.18 10.86 4.21
CA PRO A 183 -7.08 9.55 3.56
C PRO A 183 -7.53 9.57 2.10
N ARG A 184 -6.88 8.79 1.23
CA ARG A 184 -7.27 8.70 -0.17
C ARG A 184 -7.98 7.33 -0.46
N ARG A 185 -8.43 7.07 -1.71
CA ARG A 185 -9.12 5.82 -2.02
C ARG A 185 -8.31 4.56 -1.75
N ALA A 186 -6.98 4.67 -1.81
CA ALA A 186 -6.11 3.53 -1.51
C ALA A 186 -6.14 3.20 0.00
N ASP A 187 -6.31 4.23 0.84
CA ASP A 187 -6.40 4.08 2.30
C ASP A 187 -7.71 3.44 2.76
N LEU A 188 -8.78 3.55 1.95
CA LEU A 188 -10.06 2.94 2.29
C LEU A 188 -10.02 1.43 2.02
N ASP A 189 -10.80 0.65 2.77
CA ASP A 189 -10.84 -0.80 2.63
C ASP A 189 -12.06 -1.25 1.76
N MET A 190 -12.45 -2.54 1.81
CA MET A 190 -13.58 -3.05 1.01
C MET A 190 -14.94 -2.53 1.49
N ASN A 191 -15.05 -2.09 2.75
CA ASN A 191 -16.29 -1.53 3.31
C ASN A 191 -16.30 0.00 3.29
N GLN A 192 -15.33 0.64 2.57
CA GLN A 192 -15.15 2.08 2.42
C GLN A 192 -14.70 2.78 3.70
N HIS A 193 -14.13 2.04 4.66
CA HIS A 193 -13.62 2.64 5.89
C HIS A 193 -12.11 2.80 5.82
N VAL A 194 -11.54 3.82 6.49
CA VAL A 194 -10.09 4.02 6.47
C VAL A 194 -9.42 2.88 7.22
N ASN A 195 -8.52 2.16 6.52
CA ASN A 195 -7.75 1.03 7.02
C ASN A 195 -7.02 1.38 8.30
N ASN A 196 -6.99 0.47 9.28
CA ASN A 196 -6.32 0.73 10.56
C ASN A 196 -4.84 1.04 10.40
N VAL A 197 -4.20 0.50 9.37
CA VAL A 197 -2.78 0.69 9.10
C VAL A 197 -2.43 2.14 8.72
N THR A 198 -3.40 2.87 8.16
CA THR A 198 -3.26 4.26 7.77
C THR A 198 -3.04 5.15 9.00
N TYR A 199 -3.71 4.82 10.14
CA TYR A 199 -3.55 5.55 11.40
C TYR A 199 -2.15 5.37 11.98
N ILE A 200 -1.49 4.23 11.73
CA ILE A 200 -0.13 3.96 12.16
C ILE A 200 0.83 4.89 11.40
N GLY A 201 0.61 5.03 10.09
CA GLY A 201 1.41 5.91 9.25
C GLY A 201 1.19 7.37 9.54
N TRP A 202 -0.02 7.73 9.97
CA TRP A 202 -0.35 9.10 10.34
C TRP A 202 0.29 9.47 11.66
N VAL A 203 0.35 8.53 12.63
CA VAL A 203 0.98 8.75 13.93
C VAL A 203 2.46 9.10 13.74
N LEU A 204 3.13 8.32 12.88
CA LEU A 204 4.56 8.46 12.60
C LEU A 204 4.91 9.64 11.70
N GLU A 205 3.92 10.30 11.08
CA GLU A 205 4.17 11.48 10.22
C GLU A 205 4.68 12.71 11.00
N SER A 206 4.40 12.76 12.30
CA SER A 206 4.86 13.83 13.17
C SER A 206 6.27 13.57 13.73
N ILE A 207 6.79 12.33 13.64
CA ILE A 207 8.16 12.00 14.08
C ILE A 207 9.12 12.75 13.13
N PRO A 208 10.14 13.47 13.64
CA PRO A 208 11.03 14.21 12.73
C PRO A 208 11.79 13.32 11.75
N GLN A 209 12.29 13.91 10.67
CA GLN A 209 13.07 13.15 9.68
C GLN A 209 14.44 12.73 10.28
N GLU A 210 14.99 13.54 11.19
CA GLU A 210 16.26 13.26 11.85
C GLU A 210 16.16 11.99 12.71
N ILE A 211 15.03 11.79 13.40
CA ILE A 211 14.80 10.61 14.25
C ILE A 211 14.67 9.36 13.39
N VAL A 212 13.98 9.48 12.25
CA VAL A 212 13.79 8.37 11.34
C VAL A 212 15.11 7.97 10.68
N ASP A 213 15.94 8.94 10.31
CA ASP A 213 17.23 8.68 9.64
C ASP A 213 18.34 8.16 10.56
N THR A 214 18.26 8.43 11.87
CA THR A 214 19.27 7.96 12.82
C THR A 214 18.75 6.89 13.80
N HIS A 215 17.46 6.55 13.76
CA HIS A 215 16.88 5.55 14.64
C HIS A 215 15.96 4.58 13.89
N GLU A 216 15.64 3.44 14.51
CA GLU A 216 14.73 2.45 13.96
C GLU A 216 13.58 2.23 14.94
N LEU A 217 12.37 1.99 14.42
CA LEU A 217 11.21 1.79 15.26
C LEU A 217 11.20 0.40 15.92
N GLN A 218 11.23 0.35 17.26
CA GLN A 218 11.21 -0.90 17.99
C GLN A 218 9.79 -1.27 18.45
N VAL A 219 9.14 -0.40 19.23
CA VAL A 219 7.79 -0.67 19.73
C VAL A 219 6.82 0.44 19.28
N ILE A 220 5.53 0.09 19.14
CA ILE A 220 4.44 1.01 18.82
C ILE A 220 3.13 0.50 19.44
N THR A 221 2.64 1.19 20.45
CA THR A 221 1.38 0.86 21.10
C THR A 221 0.39 1.93 20.66
N LEU A 222 -0.78 1.54 20.17
CA LEU A 222 -1.74 2.50 19.64
C LEU A 222 -3.18 2.16 19.98
N ASP A 223 -3.89 3.05 20.69
CA ASP A 223 -5.29 2.89 21.07
C ASP A 223 -6.17 3.57 20.02
N TYR A 224 -7.18 2.86 19.52
CA TYR A 224 -8.10 3.41 18.54
C TYR A 224 -9.34 4.00 19.25
N ARG A 225 -9.46 5.33 19.30
CA ARG A 225 -10.57 5.97 20.00
C ARG A 225 -11.78 6.26 19.13
N ARG A 226 -11.55 6.80 17.94
CA ARG A 226 -12.61 7.13 17.00
C ARG A 226 -12.14 6.86 15.59
N GLU A 227 -13.06 6.46 14.72
CA GLU A 227 -12.68 6.16 13.33
C GLU A 227 -12.71 7.42 12.47
N CYS A 228 -11.74 7.55 11.57
CA CYS A 228 -11.65 8.72 10.71
C CYS A 228 -12.46 8.48 9.44
N GLN A 229 -13.50 9.29 9.21
CA GLN A 229 -14.31 9.16 8.00
C GLN A 229 -13.53 9.70 6.80
N GLN A 230 -13.83 9.22 5.59
CA GLN A 230 -13.16 9.64 4.37
C GLN A 230 -13.08 11.17 4.21
N ASP A 231 -14.18 11.87 4.53
CA ASP A 231 -14.28 13.33 4.42
C ASP A 231 -13.68 14.10 5.62
N ASP A 232 -12.92 13.43 6.49
CA ASP A 232 -12.30 14.06 7.65
C ASP A 232 -10.83 14.36 7.42
N VAL A 233 -10.31 15.38 8.11
CA VAL A 233 -8.90 15.78 8.04
C VAL A 233 -8.30 15.64 9.43
N VAL A 234 -7.13 14.98 9.54
CA VAL A 234 -6.48 14.73 10.83
C VAL A 234 -5.25 15.63 11.07
N ASP A 235 -4.86 15.77 12.34
CA ASP A 235 -3.69 16.47 12.85
C ASP A 235 -2.93 15.44 13.68
N SER A 236 -1.64 15.28 13.40
CA SER A 236 -0.79 14.30 14.09
C SER A 236 0.17 15.04 15.01
N LEU A 237 0.19 14.70 16.31
CA LEU A 237 1.06 15.39 17.28
C LEU A 237 2.00 14.43 18.00
N THR A 238 3.25 14.87 18.28
CA THR A 238 4.29 14.05 18.96
C THR A 238 5.07 14.88 19.99
N THR A 239 5.50 14.25 21.09
CA THR A 239 6.31 14.90 22.13
C THR A 239 7.30 13.90 22.72
N THR A 240 8.60 14.22 22.76
CA THR A 240 9.59 13.30 23.31
C THR A 240 9.41 13.19 24.82
N THR A 241 9.30 11.96 25.34
CA THR A 241 9.12 11.76 26.77
C THR A 241 10.34 11.10 27.46
N SER A 242 11.44 10.89 26.73
CA SER A 242 12.64 10.27 27.30
C SER A 242 13.67 11.31 27.74
N ASN A 259 20.58 5.57 24.10
CA ASN A 259 20.34 5.20 22.69
C ASN A 259 18.85 5.18 22.34
N ASP A 260 18.00 4.82 23.32
CA ASP A 260 16.58 4.72 23.08
C ASP A 260 15.84 6.04 23.21
N SER A 261 14.75 6.21 22.45
CA SER A 261 13.95 7.42 22.48
C SER A 261 12.46 7.07 22.53
N GLN A 262 11.69 7.78 23.36
CA GLN A 262 10.25 7.53 23.50
C GLN A 262 9.45 8.76 23.14
N PHE A 263 8.29 8.56 22.54
CA PHE A 263 7.43 9.67 22.16
C PHE A 263 5.98 9.41 22.58
N LEU A 264 5.21 10.49 22.72
CA LEU A 264 3.78 10.41 23.04
C LEU A 264 3.05 10.98 21.85
N HIS A 265 2.10 10.23 21.30
CA HIS A 265 1.38 10.62 20.10
C HIS A 265 -0.10 10.82 20.31
N LEU A 266 -0.71 11.65 19.46
CA LEU A 266 -2.14 11.94 19.51
C LEU A 266 -2.63 12.34 18.13
N LEU A 267 -3.61 11.62 17.61
CA LEU A 267 -4.22 11.96 16.33
C LEU A 267 -5.56 12.60 16.66
N ARG A 268 -5.85 13.79 16.09
CA ARG A 268 -7.12 14.45 16.37
C ARG A 268 -7.64 15.21 15.15
N LEU A 269 -8.97 15.33 15.01
CA LEU A 269 -9.57 16.02 13.87
C LEU A 269 -9.18 17.49 13.81
N SER A 270 -8.89 18.00 12.60
CA SER A 270 -8.43 19.39 12.41
C SER A 270 -9.36 20.44 12.98
N GLY A 271 -10.65 20.33 12.69
CA GLY A 271 -11.63 21.31 13.11
C GLY A 271 -11.97 21.28 14.58
N ASP A 272 -12.90 20.38 14.97
CA ASP A 272 -13.35 20.27 16.36
C ASP A 272 -12.30 19.74 17.34
N GLY A 273 -11.15 19.29 16.86
CA GLY A 273 -10.11 18.75 17.74
C GLY A 273 -10.54 17.47 18.42
N GLN A 274 -11.41 16.69 17.75
CA GLN A 274 -11.94 15.43 18.27
C GLN A 274 -10.84 14.38 18.23
N GLU A 275 -10.50 13.80 19.39
CA GLU A 275 -9.46 12.78 19.45
C GLU A 275 -9.87 11.50 18.75
N ILE A 276 -9.04 11.02 17.81
CA ILE A 276 -9.33 9.78 17.10
C ILE A 276 -8.36 8.64 17.52
N ASN A 277 -7.14 8.98 17.97
CA ASN A 277 -6.13 8.00 18.38
C ASN A 277 -5.15 8.59 19.41
N ARG A 278 -4.47 7.72 20.15
CA ARG A 278 -3.42 8.06 21.10
C ARG A 278 -2.48 6.85 21.26
N GLY A 279 -1.18 7.09 21.30
CA GLY A 279 -0.20 6.00 21.38
C GLY A 279 1.21 6.42 21.73
N THR A 280 2.12 5.45 21.80
CA THR A 280 3.53 5.69 22.14
C THR A 280 4.45 4.86 21.23
N THR A 281 5.65 5.38 20.94
CA THR A 281 6.62 4.65 20.12
C THR A 281 8.00 4.66 20.78
N LEU A 282 8.75 3.56 20.64
CA LEU A 282 10.11 3.46 21.16
C LEU A 282 11.06 3.29 19.97
N TRP A 283 12.16 4.05 19.94
CA TRP A 283 13.11 4.04 18.84
C TRP A 283 14.51 3.71 19.33
N ARG A 284 15.24 2.83 18.63
CA ARG A 284 16.61 2.48 19.04
C ARG A 284 17.65 2.98 18.04
N LYS A 285 18.90 3.18 18.49
CA LYS A 285 19.95 3.68 17.60
C LYS A 285 20.29 2.67 16.50
N LYS A 286 20.78 3.17 15.37
CA LYS A 286 21.10 2.31 14.24
C LYS A 286 22.43 1.57 14.39
N GLY B 2 8.59 -16.37 -9.59
CA GLY B 2 8.90 -15.48 -10.71
C GLY B 2 10.22 -15.79 -11.38
N SER B 3 10.20 -16.00 -12.69
CA SER B 3 11.43 -16.30 -13.44
C SER B 3 11.34 -15.88 -14.89
N LEU B 4 12.51 -15.66 -15.54
CA LEU B 4 12.58 -15.30 -16.97
C LEU B 4 11.96 -16.41 -17.81
N THR B 5 11.35 -16.04 -18.95
CA THR B 5 10.81 -17.05 -19.86
C THR B 5 11.97 -17.87 -20.47
N GLU B 6 11.64 -18.97 -21.18
CA GLU B 6 12.63 -19.86 -21.79
C GLU B 6 13.76 -19.14 -22.55
N ASP B 7 13.42 -18.16 -23.40
CA ASP B 7 14.43 -17.41 -24.15
C ASP B 7 15.21 -16.40 -23.31
N GLY B 8 14.60 -15.92 -22.22
CA GLY B 8 15.25 -14.93 -21.37
C GLY B 8 15.06 -13.51 -21.84
N LEU B 9 14.15 -13.28 -22.80
CA LEU B 9 13.86 -11.93 -23.31
C LEU B 9 12.64 -11.26 -22.65
N SER B 10 12.01 -11.92 -21.65
CA SER B 10 10.88 -11.44 -20.88
C SER B 10 10.84 -12.12 -19.49
N TYR B 11 10.02 -11.60 -18.56
CA TYR B 11 9.95 -12.14 -17.21
C TYR B 11 8.50 -12.36 -16.79
N LYS B 12 8.21 -13.47 -16.10
CA LYS B 12 6.86 -13.75 -15.64
C LYS B 12 6.78 -13.87 -14.12
N GLU B 13 5.64 -13.52 -13.51
CA GLU B 13 5.47 -13.63 -12.06
C GLU B 13 4.00 -13.70 -11.70
N LYS B 14 3.64 -14.61 -10.78
CA LYS B 14 2.24 -14.76 -10.33
C LYS B 14 2.04 -14.06 -8.99
N PHE B 15 0.84 -13.49 -8.77
CA PHE B 15 0.52 -12.77 -7.54
C PHE B 15 -0.86 -13.15 -7.04
N VAL B 16 -1.02 -13.34 -5.72
CA VAL B 16 -2.32 -13.62 -5.15
C VAL B 16 -2.83 -12.29 -4.59
N VAL B 17 -4.02 -11.85 -5.03
CA VAL B 17 -4.56 -10.57 -4.57
C VAL B 17 -4.87 -10.61 -3.07
N ARG B 18 -4.35 -9.62 -2.32
CA ARG B 18 -4.49 -9.51 -0.87
C ARG B 18 -5.73 -8.73 -0.43
N SER B 19 -6.20 -8.97 0.80
CA SER B 19 -7.38 -8.32 1.37
C SER B 19 -7.27 -6.80 1.34
N TYR B 20 -6.15 -6.24 1.81
CA TYR B 20 -5.95 -4.78 1.83
C TYR B 20 -5.64 -4.18 0.46
N GLU B 21 -5.69 -4.97 -0.62
CA GLU B 21 -5.40 -4.51 -1.97
C GLU B 21 -6.63 -4.22 -2.83
N VAL B 22 -7.84 -4.48 -2.31
CA VAL B 22 -9.09 -4.30 -3.05
C VAL B 22 -9.92 -3.09 -2.57
N GLY B 23 -10.86 -2.63 -3.41
CA GLY B 23 -11.74 -1.51 -3.10
C GLY B 23 -13.14 -1.92 -2.69
N SER B 24 -14.13 -1.02 -2.87
CA SER B 24 -15.51 -1.33 -2.48
C SER B 24 -16.18 -2.41 -3.36
N ASN B 25 -15.68 -2.63 -4.59
CA ASN B 25 -16.23 -3.68 -5.46
C ASN B 25 -15.54 -5.04 -5.28
N LYS B 26 -14.79 -5.23 -4.19
CA LYS B 26 -14.05 -6.45 -3.86
C LYS B 26 -13.04 -6.86 -4.93
N THR B 27 -12.62 -5.91 -5.79
CA THR B 27 -11.63 -6.16 -6.83
C THR B 27 -10.43 -5.22 -6.64
N ALA B 28 -9.22 -5.69 -7.00
CA ALA B 28 -7.96 -4.96 -6.87
C ALA B 28 -8.01 -3.56 -7.43
N THR B 29 -7.62 -2.56 -6.62
CA THR B 29 -7.59 -1.14 -7.03
C THR B 29 -6.56 -0.90 -8.13
N VAL B 30 -6.71 0.21 -8.88
CA VAL B 30 -5.78 0.51 -9.97
C VAL B 30 -4.34 0.77 -9.45
N GLU B 31 -4.22 1.24 -8.20
CA GLU B 31 -2.92 1.49 -7.59
C GLU B 31 -2.22 0.18 -7.21
N THR B 32 -2.99 -0.86 -6.86
CA THR B 32 -2.42 -2.17 -6.55
C THR B 32 -1.94 -2.82 -7.85
N ILE B 33 -2.69 -2.70 -8.95
CA ILE B 33 -2.29 -3.24 -10.23
C ILE B 33 -1.00 -2.56 -10.70
N ALA B 34 -0.93 -1.23 -10.55
CA ALA B 34 0.25 -0.44 -10.90
C ALA B 34 1.46 -0.86 -10.08
N ASN B 35 1.26 -1.22 -8.81
CA ASN B 35 2.31 -1.67 -7.91
C ASN B 35 2.83 -3.03 -8.34
N LEU B 36 1.92 -3.93 -8.79
CA LEU B 36 2.30 -5.27 -9.26
C LEU B 36 3.09 -5.18 -10.56
N LEU B 37 2.70 -4.25 -11.46
CA LEU B 37 3.44 -4.03 -12.71
C LEU B 37 4.85 -3.49 -12.39
N GLN B 38 4.96 -2.62 -11.39
CA GLN B 38 6.22 -2.04 -10.99
C GLN B 38 7.13 -3.09 -10.34
N GLU B 39 6.54 -3.96 -9.51
CA GLU B 39 7.25 -5.01 -8.80
C GLU B 39 7.81 -6.05 -9.77
N VAL B 40 7.03 -6.44 -10.78
CA VAL B 40 7.48 -7.42 -11.76
C VAL B 40 8.63 -6.84 -12.64
N GLY B 41 8.61 -5.54 -12.90
CA GLY B 41 9.67 -4.88 -13.66
C GLY B 41 10.97 -4.75 -12.89
N CYS B 42 10.86 -4.64 -11.55
CA CYS B 42 11.99 -4.54 -10.63
C CYS B 42 12.75 -5.86 -10.62
N ASN B 43 12.01 -6.98 -10.57
CA ASN B 43 12.59 -8.33 -10.55
C ASN B 43 13.14 -8.74 -11.89
N HIS B 44 12.63 -8.19 -13.00
CA HIS B 44 13.15 -8.49 -14.33
C HIS B 44 14.54 -7.88 -14.47
N ALA B 45 14.73 -6.65 -13.96
CA ALA B 45 16.02 -5.95 -13.96
C ALA B 45 17.02 -6.69 -13.08
N GLN B 46 16.57 -7.21 -11.93
CA GLN B 46 17.41 -7.96 -11.00
C GLN B 46 17.80 -9.32 -11.56
N SER B 47 16.85 -10.00 -12.24
CA SER B 47 17.07 -11.32 -12.81
C SER B 47 18.11 -11.35 -13.91
N VAL B 48 18.30 -10.22 -14.61
CA VAL B 48 19.32 -10.11 -15.67
C VAL B 48 20.61 -9.39 -15.20
N GLY B 49 20.71 -9.08 -13.91
CA GLY B 49 21.89 -8.44 -13.33
C GLY B 49 21.82 -6.93 -13.25
N ALA B 56 17.90 -0.18 -12.54
CA ALA B 56 18.45 -0.95 -13.66
C ALA B 56 19.45 -0.09 -14.46
N THR B 57 20.54 0.30 -13.81
CA THR B 57 21.56 1.11 -14.44
C THR B 57 22.85 0.31 -14.60
N THR B 58 23.50 0.38 -15.76
CA THR B 58 24.74 -0.37 -16.00
C THR B 58 25.98 0.33 -15.39
N THR B 59 27.18 -0.29 -15.48
CA THR B 59 28.41 0.28 -14.96
C THR B 59 28.72 1.58 -15.71
N THR B 60 28.48 1.64 -17.04
CA THR B 60 28.74 2.88 -17.78
C THR B 60 27.76 3.98 -17.39
N MET B 61 26.50 3.62 -17.08
CA MET B 61 25.50 4.59 -16.66
C MET B 61 25.81 5.09 -15.24
N ARG B 62 26.28 4.22 -14.36
CA ARG B 62 26.64 4.61 -12.99
C ARG B 62 27.85 5.54 -13.01
N LYS B 63 28.85 5.24 -13.86
CA LYS B 63 30.04 6.07 -13.99
C LYS B 63 29.68 7.47 -14.51
N LEU B 64 28.70 7.54 -15.45
CA LEU B 64 28.27 8.81 -16.03
C LEU B 64 27.22 9.57 -15.18
N HIS B 65 26.70 8.94 -14.11
CA HIS B 65 25.69 9.50 -13.20
C HIS B 65 24.34 9.67 -13.88
N LEU B 66 23.85 8.60 -14.52
CA LEU B 66 22.58 8.61 -15.26
C LEU B 66 21.59 7.61 -14.66
N ILE B 67 20.26 7.84 -14.84
CA ILE B 67 19.19 6.96 -14.35
C ILE B 67 18.02 6.88 -15.35
N TRP B 68 17.17 5.84 -15.22
CA TRP B 68 15.98 5.68 -16.06
C TRP B 68 14.78 6.33 -15.36
N VAL B 69 14.06 7.22 -16.04
CA VAL B 69 12.90 7.89 -15.42
C VAL B 69 11.63 7.69 -16.28
N THR B 70 10.45 7.48 -15.65
CA THR B 70 9.21 7.28 -16.41
C THR B 70 8.75 8.58 -17.02
N ALA B 71 8.49 8.59 -18.31
CA ALA B 71 8.00 9.79 -19.00
C ALA B 71 6.49 9.69 -19.28
N ARG B 72 5.98 8.48 -19.51
CA ARG B 72 4.57 8.25 -19.80
C ARG B 72 4.20 6.84 -19.37
N MET B 73 2.98 6.66 -18.87
CA MET B 73 2.46 5.38 -18.42
C MET B 73 1.05 5.21 -19.00
N HIS B 74 0.77 4.05 -19.60
CA HIS B 74 -0.54 3.79 -20.19
C HIS B 74 -1.00 2.45 -19.67
N ILE B 75 -2.16 2.38 -18.96
CA ILE B 75 -2.66 1.12 -18.41
C ILE B 75 -4.11 0.83 -18.78
N GLU B 76 -4.38 -0.29 -19.46
N GLU B 76 -4.37 -0.30 -19.45
N GLU B 76 -4.37 -0.30 -19.46
CA GLU B 76 -5.74 -0.67 -19.82
CA GLU B 76 -5.72 -0.69 -19.79
CA GLU B 76 -5.73 -0.66 -19.82
C GLU B 76 -6.16 -1.95 -19.11
C GLU B 76 -6.13 -1.95 -19.04
C GLU B 76 -6.16 -1.95 -19.11
N ILE B 77 -7.24 -1.89 -18.31
CA ILE B 77 -7.74 -3.04 -17.55
C ILE B 77 -9.13 -3.47 -18.05
N TYR B 78 -9.36 -4.77 -18.29
CA TYR B 78 -10.67 -5.25 -18.74
C TYR B 78 -11.43 -5.92 -17.58
N LYS B 79 -10.70 -6.68 -16.75
CA LYS B 79 -11.27 -7.37 -15.62
C LYS B 79 -10.32 -7.17 -14.45
N TYR B 80 -10.79 -6.56 -13.36
CA TYR B 80 -9.94 -6.34 -12.20
C TYR B 80 -9.95 -7.63 -11.38
N PRO B 81 -8.79 -8.21 -11.06
CA PRO B 81 -8.78 -9.44 -10.24
C PRO B 81 -9.39 -9.25 -8.85
N ALA B 82 -10.33 -10.11 -8.46
CA ALA B 82 -10.97 -10.04 -7.14
C ALA B 82 -10.04 -10.55 -6.02
N TRP B 83 -10.36 -10.24 -4.74
CA TRP B 83 -9.60 -10.69 -3.57
C TRP B 83 -9.48 -12.21 -3.56
N GLY B 84 -8.26 -12.70 -3.67
CA GLY B 84 -8.00 -14.13 -3.67
C GLY B 84 -7.50 -14.67 -5.00
N ASP B 85 -7.82 -13.97 -6.10
CA ASP B 85 -7.42 -14.39 -7.44
C ASP B 85 -5.93 -14.40 -7.64
N VAL B 86 -5.46 -15.24 -8.57
CA VAL B 86 -4.06 -15.32 -8.94
C VAL B 86 -3.93 -14.60 -10.30
N VAL B 87 -2.96 -13.70 -10.41
CA VAL B 87 -2.75 -12.93 -11.64
C VAL B 87 -1.29 -13.01 -12.06
N GLU B 88 -1.04 -13.47 -13.30
CA GLU B 88 0.34 -13.56 -13.80
C GLU B 88 0.64 -12.40 -14.75
N ILE B 89 1.77 -11.72 -14.54
CA ILE B 89 2.17 -10.59 -15.38
C ILE B 89 3.44 -10.92 -16.15
N GLU B 90 3.44 -10.66 -17.46
CA GLU B 90 4.63 -10.89 -18.27
C GLU B 90 5.19 -9.56 -18.76
N THR B 91 6.37 -9.18 -18.29
CA THR B 91 6.98 -7.92 -18.67
C THR B 91 8.22 -8.11 -19.56
N TRP B 92 8.55 -7.09 -20.36
CA TRP B 92 9.71 -7.10 -21.24
C TRP B 92 10.04 -5.68 -21.68
N CYS B 93 11.30 -5.43 -22.02
CA CYS B 93 11.74 -4.12 -22.49
C CYS B 93 12.14 -4.14 -23.96
N GLN B 94 12.05 -2.99 -24.61
CA GLN B 94 12.46 -2.89 -26.00
C GLN B 94 12.96 -1.49 -26.31
N SER B 95 14.04 -1.38 -27.10
CA SER B 95 14.61 -0.09 -27.44
C SER B 95 13.67 0.70 -28.32
N GLU B 96 13.60 2.00 -28.08
CA GLU B 96 12.79 2.89 -28.91
C GLU B 96 13.72 3.88 -29.56
N GLY B 97 14.68 3.32 -30.30
CA GLY B 97 15.70 4.10 -30.99
C GLY B 97 16.54 4.92 -30.04
N ARG B 98 16.66 6.21 -30.31
CA ARG B 98 17.44 7.10 -29.45
C ARG B 98 16.59 7.87 -28.43
N ILE B 99 15.25 7.71 -28.47
CA ILE B 99 14.36 8.39 -27.55
C ILE B 99 14.55 7.86 -26.12
N GLY B 100 14.46 6.55 -25.97
CA GLY B 100 14.63 5.90 -24.69
C GLY B 100 14.27 4.42 -24.77
N THR B 101 13.61 3.92 -23.73
CA THR B 101 13.22 2.51 -23.63
C THR B 101 11.69 2.39 -23.45
N ARG B 102 11.10 1.25 -23.84
CA ARG B 102 9.68 1.00 -23.70
C ARG B 102 9.52 -0.27 -22.90
N ARG B 103 8.69 -0.28 -21.84
CA ARG B 103 8.44 -1.50 -21.08
C ARG B 103 6.98 -1.84 -21.19
N ASP B 104 6.65 -3.07 -21.65
CA ASP B 104 5.25 -3.48 -21.77
C ASP B 104 4.88 -4.59 -20.79
N TRP B 105 3.60 -4.69 -20.44
CA TRP B 105 3.11 -5.71 -19.52
C TRP B 105 1.86 -6.36 -20.09
N ILE B 106 1.64 -7.63 -19.73
CA ILE B 106 0.42 -8.35 -20.09
C ILE B 106 -0.07 -9.02 -18.80
N LEU B 107 -1.24 -8.62 -18.31
CA LEU B 107 -1.83 -9.21 -17.11
C LEU B 107 -2.78 -10.29 -17.54
N LYS B 108 -2.61 -11.49 -17.00
CA LYS B 108 -3.47 -12.63 -17.33
C LYS B 108 -4.07 -13.22 -16.07
N ASP B 109 -5.29 -13.75 -16.17
CA ASP B 109 -5.92 -14.43 -15.05
C ASP B 109 -5.30 -15.83 -15.04
N SER B 110 -4.72 -16.24 -13.92
CA SER B 110 -4.05 -17.54 -13.84
C SER B 110 -4.98 -18.74 -13.88
N VAL B 111 -6.29 -18.53 -13.71
CA VAL B 111 -7.25 -19.65 -13.75
C VAL B 111 -7.81 -19.83 -15.17
N THR B 112 -8.38 -18.76 -15.74
CA THR B 112 -8.97 -18.80 -17.08
C THR B 112 -7.98 -18.57 -18.23
N GLY B 113 -6.76 -18.14 -17.92
CA GLY B 113 -5.72 -17.91 -18.92
C GLY B 113 -5.92 -16.70 -19.82
N GLU B 114 -7.09 -16.05 -19.72
CA GLU B 114 -7.42 -14.90 -20.54
C GLU B 114 -6.67 -13.64 -20.11
N VAL B 115 -6.54 -12.67 -21.01
CA VAL B 115 -5.86 -11.42 -20.71
C VAL B 115 -6.84 -10.49 -20.02
N THR B 116 -6.59 -10.15 -18.75
CA THR B 116 -7.48 -9.23 -18.03
C THR B 116 -6.98 -7.78 -17.99
N GLY B 117 -5.91 -7.50 -18.70
CA GLY B 117 -5.33 -6.16 -18.75
C GLY B 117 -3.96 -6.14 -19.39
N ARG B 118 -3.49 -4.95 -19.75
N ARG B 118 -3.49 -4.95 -19.75
N ARG B 118 -3.49 -4.95 -19.76
CA ARG B 118 -2.17 -4.75 -20.34
CA ARG B 118 -2.17 -4.75 -20.35
CA ARG B 118 -2.17 -4.75 -20.38
C ARG B 118 -1.70 -3.30 -20.16
C ARG B 118 -1.70 -3.30 -20.17
C ARG B 118 -1.70 -3.30 -20.17
N ALA B 119 -0.38 -3.08 -20.09
CA ALA B 119 0.17 -1.75 -19.89
C ALA B 119 1.42 -1.49 -20.75
N THR B 120 1.82 -0.21 -20.90
CA THR B 120 3.01 0.18 -21.64
C THR B 120 3.54 1.49 -21.07
N SER B 121 4.86 1.63 -20.96
CA SER B 121 5.45 2.85 -20.45
C SER B 121 6.66 3.31 -21.27
N LYS B 122 6.89 4.61 -21.33
CA LYS B 122 8.01 5.17 -22.06
C LYS B 122 9.00 5.70 -21.03
N TRP B 123 10.25 5.26 -21.07
CA TRP B 123 11.26 5.68 -20.11
C TRP B 123 12.33 6.48 -20.80
N VAL B 124 12.83 7.54 -20.16
CA VAL B 124 13.89 8.37 -20.74
C VAL B 124 15.15 8.39 -19.87
N MET B 125 16.30 8.75 -20.47
CA MET B 125 17.55 8.80 -19.72
C MET B 125 17.86 10.19 -19.19
N MET B 126 17.78 10.34 -17.86
CA MET B 126 17.99 11.60 -17.17
C MET B 126 19.22 11.55 -16.24
N ASN B 127 20.00 12.65 -16.17
CA ASN B 127 21.14 12.74 -15.26
C ASN B 127 20.53 12.89 -13.87
N GLN B 128 20.78 11.93 -12.97
CA GLN B 128 20.17 11.95 -11.64
C GLN B 128 20.45 13.21 -10.80
N ASP B 129 21.59 13.90 -11.02
CA ASP B 129 22.00 15.08 -10.25
C ASP B 129 21.48 16.42 -10.80
N THR B 130 21.66 16.67 -12.10
CA THR B 130 21.20 17.93 -12.71
C THR B 130 19.77 17.87 -13.27
N ARG B 131 19.12 16.67 -13.24
CA ARG B 131 17.77 16.42 -13.73
C ARG B 131 17.61 16.76 -15.21
N ARG B 132 18.67 16.60 -16.00
CA ARG B 132 18.64 16.94 -17.42
C ARG B 132 18.51 15.74 -18.32
N LEU B 133 17.60 15.83 -19.28
CA LEU B 133 17.39 14.76 -20.24
C LEU B 133 18.55 14.74 -21.22
N GLN B 134 19.13 13.57 -21.46
CA GLN B 134 20.26 13.43 -22.39
C GLN B 134 19.98 12.40 -23.47
N LYS B 135 20.63 12.56 -24.64
CA LYS B 135 20.49 11.61 -25.75
C LYS B 135 21.11 10.27 -25.34
N VAL B 136 20.51 9.15 -25.77
CA VAL B 136 20.95 7.82 -25.37
C VAL B 136 22.41 7.50 -25.76
N SER B 137 22.78 7.63 -27.03
CA SER B 137 24.13 7.30 -27.52
C SER B 137 24.26 5.79 -27.74
N ASP B 138 24.85 5.42 -28.88
CA ASP B 138 25.01 4.05 -29.35
C ASP B 138 25.56 3.04 -28.34
N ASP B 139 26.62 3.39 -27.59
CA ASP B 139 27.26 2.46 -26.67
C ASP B 139 26.40 2.00 -25.48
N VAL B 140 25.69 2.90 -24.79
CA VAL B 140 24.83 2.48 -23.67
C VAL B 140 23.56 1.74 -24.16
N ARG B 141 23.20 1.90 -25.44
CA ARG B 141 22.05 1.27 -26.07
C ARG B 141 22.29 -0.22 -26.30
N ASP B 142 23.49 -0.62 -26.76
CA ASP B 142 23.78 -2.03 -27.03
C ASP B 142 23.98 -2.88 -25.78
N GLU B 143 24.03 -2.27 -24.58
CA GLU B 143 24.15 -3.04 -23.34
C GLU B 143 22.80 -3.68 -22.98
N TYR B 144 21.70 -2.97 -23.26
CA TYR B 144 20.35 -3.44 -22.99
C TYR B 144 19.74 -4.25 -24.14
N LEU B 145 20.38 -4.29 -25.31
CA LEU B 145 19.86 -5.03 -26.47
C LEU B 145 19.97 -6.55 -26.30
N VAL B 146 20.94 -7.02 -25.51
CA VAL B 146 21.10 -8.46 -25.29
C VAL B 146 19.98 -9.06 -24.42
N PHE B 147 19.17 -8.21 -23.76
CA PHE B 147 18.03 -8.62 -22.91
C PHE B 147 16.68 -8.19 -23.51
N CYS B 148 16.64 -7.85 -24.79
CA CYS B 148 15.43 -7.36 -25.43
C CYS B 148 15.12 -8.17 -26.66
N PRO B 149 13.82 -8.41 -26.95
CA PRO B 149 13.48 -9.12 -28.20
C PRO B 149 13.86 -8.25 -29.39
N GLN B 150 14.49 -8.85 -30.41
CA GLN B 150 14.92 -8.07 -31.57
C GLN B 150 13.73 -7.61 -32.45
N GLU B 151 12.78 -8.51 -32.73
CA GLU B 151 11.57 -8.17 -33.47
C GLU B 151 10.65 -7.34 -32.58
N PRO B 152 9.87 -6.39 -33.14
CA PRO B 152 9.00 -5.57 -32.29
C PRO B 152 7.84 -6.37 -31.66
N ARG B 153 7.80 -6.40 -30.34
CA ARG B 153 6.78 -7.10 -29.58
C ARG B 153 6.07 -6.09 -28.68
N LEU B 154 5.01 -5.48 -29.19
CA LEU B 154 4.29 -4.45 -28.45
C LEU B 154 3.02 -5.00 -27.81
N ALA B 155 2.70 -4.52 -26.60
CA ALA B 155 1.45 -4.90 -25.95
C ALA B 155 0.28 -4.16 -26.63
N PHE B 156 0.52 -2.92 -27.09
CA PHE B 156 -0.47 -2.12 -27.81
C PHE B 156 0.13 -1.87 -29.19
N PRO B 157 -0.04 -2.80 -30.14
CA PRO B 157 0.60 -2.62 -31.45
C PRO B 157 -0.16 -1.74 -32.45
N GLU B 158 -1.47 -1.54 -32.22
CA GLU B 158 -2.37 -0.71 -33.04
C GLU B 158 -1.72 0.61 -33.55
N GLU B 159 -1.86 0.92 -34.86
CA GLU B 159 -1.32 2.17 -35.41
C GLU B 159 -2.35 3.27 -35.11
N ASN B 160 -1.92 4.38 -34.46
CA ASN B 160 -2.77 5.48 -34.00
C ASN B 160 -3.62 5.00 -32.82
N ASN B 161 -2.94 4.42 -31.81
CA ASN B 161 -3.59 3.87 -30.62
C ASN B 161 -3.71 4.90 -29.45
N ARG B 162 -4.27 4.48 -28.29
CA ARG B 162 -4.48 5.35 -27.13
C ARG B 162 -3.20 5.72 -26.35
N SER B 163 -2.08 5.04 -26.58
CA SER B 163 -0.85 5.32 -25.83
C SER B 163 0.13 6.30 -26.50
N LEU B 164 -0.17 6.77 -27.72
CA LEU B 164 0.73 7.70 -28.41
C LEU B 164 0.09 9.04 -28.77
N LYS B 165 -1.10 9.34 -28.23
CA LYS B 165 -1.80 10.59 -28.55
C LYS B 165 -1.38 11.70 -27.57
N LYS B 166 -1.23 12.94 -28.06
CA LYS B 166 -0.83 14.08 -27.24
C LYS B 166 -1.91 14.49 -26.22
N ILE B 167 -1.54 14.61 -24.93
CA ILE B 167 -2.47 15.00 -23.87
C ILE B 167 -2.48 16.52 -23.71
N PRO B 168 -3.64 17.17 -23.91
CA PRO B 168 -3.69 18.64 -23.75
C PRO B 168 -3.65 19.10 -22.29
N LYS B 169 -3.34 20.39 -22.08
CA LYS B 169 -3.27 20.97 -20.74
C LYS B 169 -4.65 21.43 -20.31
N LEU B 170 -5.08 21.00 -19.12
CA LEU B 170 -6.40 21.34 -18.58
C LEU B 170 -6.59 22.85 -18.42
N GLU B 171 -7.68 23.38 -18.99
CA GLU B 171 -8.01 24.80 -18.85
C GLU B 171 -8.77 25.06 -17.55
N ASP B 172 -8.60 26.25 -16.98
CA ASP B 172 -9.29 26.64 -15.76
C ASP B 172 -10.56 27.41 -16.11
N PRO B 173 -11.67 27.24 -15.38
CA PRO B 173 -11.84 26.40 -14.19
C PRO B 173 -12.02 24.91 -14.44
N ALA B 174 -11.43 24.09 -13.56
CA ALA B 174 -11.56 22.65 -13.62
C ALA B 174 -12.93 22.26 -13.07
N GLN B 175 -13.57 21.26 -13.66
CA GLN B 175 -14.89 20.84 -13.21
C GLN B 175 -14.84 20.25 -11.81
N TYR B 176 -13.83 19.42 -11.56
CA TYR B 176 -13.63 18.78 -10.26
C TYR B 176 -12.21 19.05 -9.75
N SER B 177 -12.01 18.92 -8.43
CA SER B 177 -10.70 19.16 -7.84
C SER B 177 -10.52 18.52 -6.48
N MET B 178 -9.28 18.25 -6.11
CA MET B 178 -8.91 17.72 -4.81
C MET B 178 -7.60 18.40 -4.46
N ILE B 179 -7.63 19.35 -3.53
CA ILE B 179 -6.44 20.11 -3.18
C ILE B 179 -5.84 19.69 -1.83
N GLY B 180 -4.58 20.02 -1.62
CA GLY B 180 -3.88 19.72 -0.38
C GLY B 180 -3.45 18.28 -0.24
N LEU B 181 -3.00 17.68 -1.34
CA LEU B 181 -2.54 16.30 -1.32
C LEU B 181 -1.04 16.26 -1.07
N LYS B 182 -0.61 15.60 0.02
CA LYS B 182 0.79 15.51 0.39
C LYS B 182 1.23 14.06 0.50
N PRO B 183 2.42 13.72 0.00
CA PRO B 183 2.91 12.34 0.15
C PRO B 183 3.42 12.05 1.57
N ARG B 184 3.18 10.84 2.08
CA ARG B 184 3.68 10.43 3.38
C ARG B 184 4.89 9.46 3.25
N ARG B 185 5.49 8.99 4.36
CA ARG B 185 6.65 8.09 4.29
C ARG B 185 6.38 6.79 3.55
N ALA B 186 5.12 6.33 3.55
CA ALA B 186 4.76 5.12 2.81
C ALA B 186 4.82 5.35 1.30
N ASP B 187 4.51 6.59 0.86
CA ASP B 187 4.53 6.99 -0.55
C ASP B 187 5.96 7.11 -1.10
N LEU B 188 6.95 7.35 -0.23
CA LEU B 188 8.34 7.47 -0.65
C LEU B 188 8.94 6.08 -0.90
N ASP B 189 9.92 5.98 -1.81
CA ASP B 189 10.55 4.71 -2.13
C ASP B 189 11.90 4.52 -1.38
N MET B 190 12.77 3.60 -1.82
CA MET B 190 14.06 3.36 -1.16
C MET B 190 15.06 4.52 -1.33
N ASN B 191 14.90 5.35 -2.36
CA ASN B 191 15.76 6.50 -2.60
C ASN B 191 15.15 7.81 -2.09
N GLN B 192 14.07 7.73 -1.27
CA GLN B 192 13.32 8.84 -0.68
C GLN B 192 12.54 9.68 -1.69
N HIS B 193 12.26 9.13 -2.88
CA HIS B 193 11.46 9.84 -3.87
C HIS B 193 10.02 9.35 -3.86
N VAL B 194 9.04 10.21 -4.19
CA VAL B 194 7.63 9.80 -4.22
C VAL B 194 7.45 8.82 -5.37
N ASN B 195 7.09 7.54 -5.09
CA ASN B 195 6.99 6.55 -6.17
C ASN B 195 5.87 6.90 -7.16
N ASN B 196 6.05 6.55 -8.43
CA ASN B 196 5.15 6.93 -9.53
C ASN B 196 3.72 6.41 -9.42
N VAL B 197 3.44 5.45 -8.54
CA VAL B 197 2.06 4.96 -8.36
C VAL B 197 1.20 5.92 -7.55
N THR B 198 1.82 6.75 -6.69
CA THR B 198 1.13 7.75 -5.88
C THR B 198 0.51 8.82 -6.77
N TYR B 199 1.20 9.20 -7.87
CA TYR B 199 0.69 10.18 -8.81
C TYR B 199 -0.57 9.68 -9.51
N ILE B 200 -0.70 8.36 -9.72
CA ILE B 200 -1.87 7.73 -10.30
C ILE B 200 -3.07 7.89 -9.36
N GLY B 201 -2.83 7.65 -8.07
CA GLY B 201 -3.84 7.79 -7.02
C GLY B 201 -4.25 9.22 -6.79
N TRP B 202 -3.32 10.16 -6.98
CA TRP B 202 -3.59 11.59 -6.84
C TRP B 202 -4.42 12.09 -8.00
N VAL B 203 -4.17 11.60 -9.22
CA VAL B 203 -4.92 11.99 -10.42
C VAL B 203 -6.41 11.63 -10.23
N LEU B 204 -6.64 10.41 -9.74
CA LEU B 204 -7.98 9.87 -9.53
C LEU B 204 -8.71 10.43 -8.31
N GLU B 205 -8.02 11.17 -7.42
CA GLU B 205 -8.65 11.78 -6.24
C GLU B 205 -9.66 12.89 -6.59
N SER B 206 -9.53 13.50 -7.78
CA SER B 206 -10.44 14.52 -8.26
C SER B 206 -11.67 13.93 -8.98
N ILE B 207 -11.65 12.63 -9.36
CA ILE B 207 -12.80 11.97 -9.98
C ILE B 207 -13.90 11.89 -8.90
N PRO B 208 -15.16 12.27 -9.22
CA PRO B 208 -16.21 12.23 -8.19
C PRO B 208 -16.49 10.83 -7.63
N GLN B 209 -17.13 10.77 -6.46
CA GLN B 209 -17.47 9.49 -5.86
C GLN B 209 -18.58 8.78 -6.67
N GLU B 210 -19.50 9.57 -7.30
CA GLU B 210 -20.59 9.07 -8.14
C GLU B 210 -20.05 8.32 -9.37
N ILE B 211 -18.96 8.80 -9.96
CA ILE B 211 -18.34 8.19 -11.13
C ILE B 211 -17.66 6.88 -10.74
N VAL B 212 -17.01 6.86 -9.58
CA VAL B 212 -16.32 5.68 -9.08
C VAL B 212 -17.31 4.58 -8.70
N ASP B 213 -18.45 4.95 -8.10
CA ASP B 213 -19.47 4.00 -7.66
C ASP B 213 -20.34 3.41 -8.78
N THR B 214 -20.47 4.13 -9.90
CA THR B 214 -21.27 3.65 -11.03
C THR B 214 -20.44 3.29 -12.28
N HIS B 215 -19.13 3.51 -12.26
CA HIS B 215 -18.26 3.19 -13.38
C HIS B 215 -16.97 2.47 -12.93
N GLU B 216 -16.29 1.84 -13.88
CA GLU B 216 -15.03 1.17 -13.65
C GLU B 216 -13.95 1.78 -14.54
N LEU B 217 -12.72 1.87 -14.04
CA LEU B 217 -11.63 2.45 -14.81
C LEU B 217 -11.12 1.50 -15.89
N GLN B 218 -11.23 1.91 -17.16
CA GLN B 218 -10.75 1.09 -18.26
C GLN B 218 -9.35 1.50 -18.72
N VAL B 219 -9.15 2.77 -19.12
CA VAL B 219 -7.85 3.26 -19.60
C VAL B 219 -7.37 4.42 -18.72
N ILE B 220 -6.03 4.59 -18.60
CA ILE B 220 -5.37 5.69 -17.90
C ILE B 220 -4.01 5.99 -18.55
N THR B 221 -3.92 7.13 -19.24
CA THR B 221 -2.68 7.56 -19.86
C THR B 221 -2.17 8.71 -19.01
N LEU B 222 -0.89 8.68 -18.60
CA LEU B 222 -0.35 9.69 -17.70
C LEU B 222 1.07 10.08 -18.04
N ASP B 223 1.31 11.37 -18.34
CA ASP B 223 2.64 11.92 -18.65
C ASP B 223 3.26 12.48 -17.37
N TYR B 224 4.49 12.11 -17.06
CA TYR B 224 5.18 12.60 -15.88
C TYR B 224 6.04 13.82 -16.25
N ARG B 225 5.60 15.02 -15.86
CA ARG B 225 6.30 16.26 -16.21
C ARG B 225 7.39 16.67 -15.21
N ARG B 226 7.04 16.67 -13.92
CA ARG B 226 7.96 17.05 -12.86
C ARG B 226 7.73 16.15 -11.65
N GLU B 227 8.79 15.85 -10.90
CA GLU B 227 8.67 14.99 -9.73
C GLU B 227 8.25 15.79 -8.50
N CYS B 228 7.37 15.21 -7.69
CA CYS B 228 6.88 15.88 -6.49
C CYS B 228 7.80 15.56 -5.31
N GLN B 229 8.44 16.59 -4.75
CA GLN B 229 9.32 16.38 -3.61
C GLN B 229 8.48 16.15 -2.35
N GLN B 230 9.04 15.43 -1.36
CA GLN B 230 8.35 15.11 -0.11
C GLN B 230 7.69 16.34 0.56
N ASP B 231 8.39 17.49 0.57
CA ASP B 231 7.92 18.74 1.17
C ASP B 231 6.99 19.56 0.26
N ASP B 232 6.49 18.98 -0.84
CA ASP B 232 5.59 19.67 -1.76
C ASP B 232 4.14 19.25 -1.55
N VAL B 233 3.20 20.16 -1.88
CA VAL B 233 1.76 19.90 -1.78
C VAL B 233 1.16 20.02 -3.18
N VAL B 234 0.35 19.03 -3.60
CA VAL B 234 -0.22 19.00 -4.94
C VAL B 234 -1.73 19.35 -4.95
N ASP B 235 -2.23 19.75 -6.12
CA ASP B 235 -3.62 20.07 -6.44
C ASP B 235 -3.97 19.16 -7.63
N SER B 236 -5.07 18.40 -7.51
CA SER B 236 -5.51 17.48 -8.54
C SER B 236 -6.75 18.05 -9.24
N LEU B 237 -6.73 18.18 -10.57
CA LEU B 237 -7.86 18.77 -11.30
C LEU B 237 -8.40 17.82 -12.37
N THR B 238 -9.74 17.79 -12.58
CA THR B 238 -10.42 16.92 -13.55
C THR B 238 -11.54 17.67 -14.29
N THR B 239 -11.77 17.34 -15.57
CA THR B 239 -12.83 17.93 -16.38
C THR B 239 -13.38 16.88 -17.36
N THR B 240 -14.70 16.65 -17.37
CA THR B 240 -15.28 15.66 -18.28
C THR B 240 -15.18 16.15 -19.72
N THR B 241 -14.63 15.34 -20.62
CA THR B 241 -14.49 15.72 -22.01
C THR B 241 -15.38 14.92 -22.97
N SER B 242 -16.26 14.07 -22.46
CA SER B 242 -17.16 13.26 -23.29
C SER B 242 -18.57 13.90 -23.37
N ASP B 260 -19.65 5.13 -21.81
CA ASP B 260 -18.27 5.52 -21.53
C ASP B 260 -18.13 6.98 -21.14
N SER B 261 -17.14 7.29 -20.29
CA SER B 261 -16.88 8.65 -19.84
C SER B 261 -15.40 8.96 -19.90
N GLN B 262 -15.03 10.15 -20.38
CA GLN B 262 -13.62 10.54 -20.48
C GLN B 262 -13.35 11.79 -19.67
N PHE B 263 -12.16 11.88 -19.09
CA PHE B 263 -11.77 13.02 -18.28
C PHE B 263 -10.38 13.53 -18.65
N LEU B 264 -10.11 14.80 -18.37
CA LEU B 264 -8.81 15.41 -18.59
C LEU B 264 -8.28 15.78 -17.23
N HIS B 265 -7.07 15.33 -16.90
CA HIS B 265 -6.47 15.53 -15.58
C HIS B 265 -5.21 16.36 -15.62
N LEU B 266 -4.92 17.02 -14.48
CA LEU B 266 -3.74 17.86 -14.33
C LEU B 266 -3.34 17.92 -12.87
N LEU B 267 -2.11 17.51 -12.54
CA LEU B 267 -1.60 17.60 -11.18
C LEU B 267 -0.66 18.80 -11.18
N ARG B 268 -0.81 19.73 -10.23
CA ARG B 268 0.06 20.90 -10.17
C ARG B 268 0.32 21.34 -8.73
N LEU B 269 1.50 21.92 -8.46
CA LEU B 269 1.86 22.36 -7.11
C LEU B 269 0.92 23.44 -6.58
N SER B 270 0.54 23.35 -5.29
CA SER B 270 -0.41 24.28 -4.69
C SER B 270 -0.03 25.75 -4.80
N GLY B 271 1.22 26.06 -4.47
CA GLY B 271 1.70 27.43 -4.46
C GLY B 271 1.93 28.05 -5.82
N ASP B 272 3.10 27.77 -6.43
CA ASP B 272 3.46 28.33 -7.73
C ASP B 272 2.64 27.79 -8.91
N GLY B 273 1.79 26.79 -8.69
CA GLY B 273 0.99 26.23 -9.76
C GLY B 273 1.84 25.54 -10.81
N GLN B 274 2.99 24.99 -10.40
CA GLN B 274 3.94 24.29 -11.27
C GLN B 274 3.36 22.95 -11.66
N GLU B 275 3.19 22.71 -12.96
CA GLU B 275 2.65 21.45 -13.46
C GLU B 275 3.59 20.28 -13.19
N ILE B 276 3.08 19.22 -12.55
CA ILE B 276 3.89 18.04 -12.29
C ILE B 276 3.42 16.82 -13.14
N ASN B 277 2.14 16.78 -13.53
CA ASN B 277 1.57 15.69 -14.32
C ASN B 277 0.37 16.15 -15.15
N ARG B 278 0.04 15.39 -16.20
CA ARG B 278 -1.13 15.59 -17.05
C ARG B 278 -1.53 14.24 -17.67
N GLY B 279 -2.82 13.94 -17.72
CA GLY B 279 -3.29 12.66 -18.24
C GLY B 279 -4.77 12.58 -18.54
N THR B 280 -5.23 11.42 -19.00
CA THR B 280 -6.64 11.18 -19.34
C THR B 280 -7.09 9.80 -18.85
N THR B 281 -8.37 9.66 -18.49
CA THR B 281 -8.91 8.37 -18.04
C THR B 281 -10.22 8.06 -18.76
N LEU B 282 -10.46 6.79 -19.06
CA LEU B 282 -11.71 6.35 -19.68
C LEU B 282 -12.43 5.41 -18.69
N TRP B 283 -13.73 5.62 -18.49
CA TRP B 283 -14.51 4.85 -17.54
C TRP B 283 -15.71 4.18 -18.22
N ARG B 284 -15.93 2.88 -17.96
CA ARG B 284 -17.04 2.10 -18.53
C ARG B 284 -18.16 1.91 -17.51
N LYS B 285 -19.40 1.66 -17.95
CA LYS B 285 -20.50 1.40 -17.02
C LYS B 285 -20.35 0.02 -16.37
N LYS B 286 -20.94 -0.16 -15.18
CA LYS B 286 -20.87 -1.45 -14.48
C LYS B 286 -21.98 -2.39 -14.95
N1 KCC C . -14.70 2.44 21.79
N3 KCC C . -14.56 2.92 19.52
C4 KCC C . -12.67 2.03 18.29
C5 KCC C . -12.00 1.90 17.06
C6 KCC C . -12.48 2.52 15.96
C7 KCC C . -13.67 3.28 16.01
C8 KCC C . -14.35 3.42 17.18
C1 KCC C . -15.87 3.27 22.03
C2 KCC C . -14.06 2.33 20.59
C3 KCC C . -12.88 1.53 20.52
C9 KCC C . -13.86 2.80 18.35
N2 KCC C . -12.20 1.39 19.41
N1 KCC D . 11.25 15.42 -19.15
N3 KCC D . 11.12 15.12 -16.86
C4 KCC D . 10.00 13.13 -16.05
C5 KCC D . 9.56 12.37 -14.94
C6 KCC D . 9.82 12.80 -13.67
C7 KCC D . 10.49 14.01 -13.45
C8 KCC D . 10.91 14.77 -14.49
C1 KCC D . 11.51 16.85 -19.09
C2 KCC D . 10.84 14.70 -18.08
C3 KCC D . 10.21 13.44 -18.31
C9 KCC D . 10.68 14.35 -15.81
N2 KCC D . 9.78 12.69 -17.33
#